data_3I4U
#
_entry.id   3I4U
#
_cell.length_a   78.854
_cell.length_b   78.854
_cell.length_c   88.793
_cell.angle_alpha   90.00
_cell.angle_beta   90.00
_cell.angle_gamma   90.00
#
_symmetry.space_group_name_H-M   'P 41 21 2'
#
loop_
_entity.id
_entity.type
_entity.pdbx_description
1 polymer 'ATP-dependent RNA helicase DHX8'
2 non-polymer 'BROMIDE ION'
3 non-polymer GLYCEROL
4 water water
#
_entity_poly.entity_id   1
_entity_poly.type   'polypeptide(L)'
_entity_poly.pdbx_seq_one_letter_code
;MGDRGPEFELGTRGSPMETLITAMEQLYTLGALDDEGLLTRLGRRMAEFPLEPMLCKMLIMSVHLGCSEEMLTIVSMLSV
QNVFYRPKDKQALADQKKAKFHQTEGDHLTLLAVYNSWKNNKFSNPWCYENFIQARSLRRAQDIRKQMLGIMDRHKLDVV
SCGKSTVRVQKAICSGFFRNAAKKDPQEGYRTLIDQQVVYIHPSSALFNRQPEWVVYHELVLTTKEYMREVTTIDPRWLV
EFAPAFFKVLEVDLQGDHGLSAWSHPQFEK
;
_entity_poly.pdbx_strand_id   A
#
# COMPACT_ATOMS: atom_id res chain seq x y z
N GLY A 14 22.86 -9.50 -0.10
CA GLY A 14 23.90 -10.24 0.68
C GLY A 14 25.29 -9.66 0.53
N SER A 15 25.41 -8.67 -0.36
CA SER A 15 26.66 -7.98 -0.60
C SER A 15 26.35 -6.58 -1.13
N PRO A 16 27.16 -5.57 -0.72
CA PRO A 16 26.90 -4.18 -1.08
C PRO A 16 26.61 -3.95 -2.58
N MET A 17 27.43 -4.55 -3.45
CA MET A 17 27.28 -4.36 -4.90
C MET A 17 25.98 -4.96 -5.43
N GLU A 18 25.70 -6.19 -5.00
CA GLU A 18 24.50 -6.93 -5.39
C GLU A 18 23.21 -6.17 -5.05
N THR A 19 23.12 -5.68 -3.81
CA THR A 19 21.91 -4.98 -3.35
C THR A 19 21.77 -3.61 -4.00
N LEU A 20 22.90 -2.99 -4.32
CA LEU A 20 22.92 -1.72 -5.03
C LEU A 20 22.41 -1.87 -6.46
N ILE A 21 22.90 -2.89 -7.16
CA ILE A 21 22.45 -3.19 -8.53
C ILE A 21 20.94 -3.49 -8.55
N THR A 22 20.48 -4.32 -7.62
CA THR A 22 19.06 -4.63 -7.48
C THR A 22 18.21 -3.37 -7.24
N ALA A 23 18.69 -2.47 -6.38
CA ALA A 23 17.99 -1.22 -6.09
C ALA A 23 17.92 -0.29 -7.30
N MET A 24 19.00 -0.25 -8.08
CA MET A 24 19.07 0.52 -9.32
C MET A 24 18.06 0.02 -10.36
N GLU A 25 17.98 -1.30 -10.51
CA GLU A 25 17.02 -1.94 -11.40
C GLU A 25 15.59 -1.61 -10.99
N GLN A 26 15.31 -1.67 -9.68
CA GLN A 26 14.00 -1.25 -9.16
C GLN A 26 13.66 0.19 -9.55
N LEU A 27 14.59 1.11 -9.33
CA LEU A 27 14.39 2.52 -9.69
C LEU A 27 14.03 2.70 -11.15
N TYR A 28 14.74 2.00 -12.04
CA TYR A 28 14.43 2.04 -13.46
C TYR A 28 13.00 1.58 -13.76
N THR A 29 12.62 0.42 -13.22
CA THR A 29 11.27 -0.12 -13.45
C THR A 29 10.17 0.78 -12.89
N LEU A 30 10.47 1.50 -11.80
CA LEU A 30 9.51 2.44 -11.20
C LEU A 30 9.36 3.74 -12.00
N GLY A 31 10.31 4.01 -12.90
CA GLY A 31 10.28 5.22 -13.70
C GLY A 31 11.07 6.35 -13.08
N ALA A 32 11.84 6.03 -12.05
CA ALA A 32 12.68 6.99 -11.34
C ALA A 32 13.95 7.33 -12.12
N LEU A 33 14.41 6.38 -12.92
CA LEU A 33 15.56 6.56 -13.81
C LEU A 33 15.17 6.29 -15.26
N ASP A 34 15.72 7.09 -16.18
CA ASP A 34 15.47 6.91 -17.60
C ASP A 34 16.42 5.90 -18.25
N ASP A 35 16.34 5.78 -19.57
CA ASP A 35 17.16 4.84 -20.35
C ASP A 35 18.68 5.08 -20.24
N GLU A 36 19.06 6.32 -19.95
CA GLU A 36 20.47 6.69 -19.75
C GLU A 36 20.89 6.69 -18.28
N GLY A 37 20.03 6.19 -17.40
CA GLY A 37 20.31 6.09 -15.97
C GLY A 37 20.34 7.41 -15.22
N LEU A 38 19.71 8.44 -15.78
CA LEU A 38 19.58 9.73 -15.12
C LEU A 38 18.25 9.81 -14.38
N LEU A 39 18.21 10.59 -13.30
CA LEU A 39 16.98 10.81 -12.56
C LEU A 39 15.96 11.57 -13.38
N THR A 40 14.73 11.05 -13.42
CA THR A 40 13.62 11.70 -14.11
C THR A 40 12.97 12.70 -13.16
N ARG A 41 11.99 13.46 -13.66
CA ARG A 41 11.21 14.36 -12.81
C ARG A 41 10.54 13.59 -11.68
N LEU A 42 10.00 12.41 -12.01
CA LEU A 42 9.41 11.51 -11.03
C LEU A 42 10.44 11.09 -9.98
N GLY A 43 11.62 10.67 -10.43
CA GLY A 43 12.72 10.29 -9.55
C GLY A 43 13.16 11.40 -8.62
N ARG A 44 13.28 12.62 -9.16
CA ARG A 44 13.64 13.81 -8.39
CA ARG A 44 13.65 13.80 -8.39
C ARG A 44 12.64 14.10 -7.29
N ARG A 45 11.35 13.96 -7.63
CA ARG A 45 10.28 14.18 -6.67
C ARG A 45 10.26 13.11 -5.59
N MET A 46 10.35 11.84 -6.00
CA MET A 46 10.45 10.70 -5.10
C MET A 46 11.59 10.87 -4.07
N ALA A 47 12.71 11.42 -4.53
CA ALA A 47 13.92 11.57 -3.73
C ALA A 47 13.76 12.54 -2.55
N GLU A 48 12.72 13.36 -2.60
CA GLU A 48 12.46 14.33 -1.54
C GLU A 48 11.79 13.71 -0.32
N PHE A 49 11.30 12.50 -0.46
CA PHE A 49 10.61 11.81 0.63
C PHE A 49 11.49 10.73 1.26
N PRO A 50 11.44 10.61 2.61
CA PRO A 50 12.25 9.63 3.33
C PRO A 50 11.59 8.26 3.43
N LEU A 51 10.96 7.80 2.36
CA LEU A 51 10.27 6.51 2.36
C LEU A 51 10.97 5.56 1.39
N GLU A 52 10.68 4.27 1.51
CA GLU A 52 11.23 3.30 0.55
C GLU A 52 10.64 3.57 -0.85
N PRO A 53 11.42 3.30 -1.92
CA PRO A 53 11.09 3.81 -3.26
C PRO A 53 9.69 3.48 -3.80
N MET A 54 9.18 2.28 -3.52
CA MET A 54 7.83 1.94 -3.96
C MET A 54 6.77 2.84 -3.31
N LEU A 55 6.97 3.17 -2.04
CA LEU A 55 6.09 4.12 -1.35
C LEU A 55 6.20 5.54 -1.92
N CYS A 56 7.41 5.96 -2.24
CA CYS A 56 7.65 7.27 -2.88
C CYS A 56 6.94 7.36 -4.22
N LYS A 57 7.04 6.29 -5.00
CA LYS A 57 6.40 6.21 -6.31
C LYS A 57 4.90 6.39 -6.21
N MET A 58 4.25 5.61 -5.34
CA MET A 58 2.80 5.70 -5.22
C MET A 58 2.31 7.03 -4.64
N LEU A 59 3.14 7.68 -3.82
CA LEU A 59 2.81 9.03 -3.34
C LEU A 59 2.85 10.08 -4.46
N ILE A 60 3.88 10.04 -5.30
CA ILE A 60 3.97 11.00 -6.41
C ILE A 60 2.86 10.75 -7.43
N MET A 61 2.60 9.49 -7.74
CA MET A 61 1.57 9.12 -8.71
CA MET A 61 1.57 9.12 -8.71
C MET A 61 0.18 9.53 -8.25
N SER A 62 -0.05 9.49 -6.93
CA SER A 62 -1.33 9.91 -6.36
C SER A 62 -1.62 11.39 -6.64
N VAL A 63 -0.57 12.19 -6.82
CA VAL A 63 -0.71 13.57 -7.28
C VAL A 63 -1.32 13.59 -8.69
N HIS A 64 -0.78 12.79 -9.59
CA HIS A 64 -1.27 12.72 -10.97
C HIS A 64 -2.64 12.05 -11.04
N LEU A 65 -2.90 11.10 -10.14
CA LEU A 65 -4.16 10.36 -10.15
C LEU A 65 -5.24 11.02 -9.29
N GLY A 66 -4.92 12.14 -8.67
CA GLY A 66 -5.89 12.93 -7.92
C GLY A 66 -6.39 12.27 -6.65
N CYS A 67 -5.47 11.69 -5.88
CA CYS A 67 -5.84 11.03 -4.63
C CYS A 67 -4.73 11.15 -3.58
N SER A 68 -3.97 12.24 -3.64
CA SER A 68 -2.85 12.47 -2.72
C SER A 68 -3.28 12.71 -1.27
N GLU A 69 -4.52 13.15 -1.07
CA GLU A 69 -5.07 13.32 0.26
C GLU A 69 -5.16 11.96 0.96
N GLU A 70 -5.71 10.99 0.24
CA GLU A 70 -5.83 9.62 0.71
C GLU A 70 -4.46 8.92 0.81
N MET A 71 -3.60 9.16 -0.17
CA MET A 71 -2.30 8.49 -0.21
C MET A 71 -1.36 8.92 0.92
N LEU A 72 -1.37 10.21 1.25
CA LEU A 72 -0.61 10.72 2.39
C LEU A 72 -0.98 9.96 3.67
N THR A 73 -2.27 9.72 3.85
CA THR A 73 -2.80 8.99 4.98
C THR A 73 -2.35 7.52 4.93
N ILE A 74 -2.53 6.90 3.76
CA ILE A 74 -2.17 5.50 3.58
C ILE A 74 -0.67 5.25 3.81
N VAL A 75 0.17 6.11 3.23
CA VAL A 75 1.61 6.01 3.42
C VAL A 75 2.00 6.14 4.90
N SER A 76 1.32 7.03 5.61
CA SER A 76 1.60 7.25 7.03
C SER A 76 1.15 6.05 7.85
N MET A 77 -0.02 5.51 7.52
CA MET A 77 -0.54 4.32 8.20
C MET A 77 0.32 3.07 7.96
N LEU A 78 0.92 2.97 6.77
CA LEU A 78 1.84 1.87 6.46
C LEU A 78 3.19 2.01 7.18
N SER A 79 3.47 3.21 7.67
CA SER A 79 4.75 3.51 8.32
C SER A 79 4.75 3.26 9.83
N VAL A 80 3.60 2.85 10.38
CA VAL A 80 3.49 2.55 11.81
C VAL A 80 3.22 1.06 12.04
N GLN A 81 3.34 0.61 13.29
CA GLN A 81 3.35 -0.82 13.61
C GLN A 81 1.98 -1.47 13.84
N ASN A 82 1.57 -1.56 15.11
CA ASN A 82 0.33 -2.23 15.47
C ASN A 82 -0.79 -1.22 15.56
N VAL A 83 -1.65 -1.18 14.55
CA VAL A 83 -2.80 -0.26 14.58
C VAL A 83 -3.97 -0.89 15.34
N PHE A 84 -4.29 -2.15 15.02
CA PHE A 84 -5.32 -2.89 15.71
C PHE A 84 -4.71 -3.77 16.79
N TYR A 85 -5.42 -3.93 17.90
CA TYR A 85 -5.05 -4.96 18.85
C TYR A 85 -6.20 -5.94 19.07
N ARG A 86 -5.84 -7.18 19.38
CA ARG A 86 -6.78 -8.27 19.41
C ARG A 86 -6.56 -9.11 20.67
N PRO A 87 -7.14 -8.67 21.81
CA PRO A 87 -7.05 -9.43 23.06
C PRO A 87 -7.62 -10.83 22.90
N LYS A 88 -7.00 -11.80 23.56
CA LYS A 88 -7.37 -13.22 23.48
C LYS A 88 -8.84 -13.47 23.88
N ASP A 89 -9.33 -12.70 24.84
CA ASP A 89 -10.69 -12.87 25.37
C ASP A 89 -11.75 -12.04 24.62
N LYS A 90 -11.30 -11.12 23.78
CA LYS A 90 -12.20 -10.25 23.03
C LYS A 90 -11.94 -10.33 21.52
N GLN A 91 -11.64 -11.54 21.04
CA GLN A 91 -11.26 -11.75 19.64
C GLN A 91 -12.40 -11.54 18.66
N ALA A 92 -13.57 -12.11 18.96
CA ALA A 92 -14.76 -11.94 18.11
C ALA A 92 -15.21 -10.48 18.09
N LEU A 93 -15.15 -9.82 19.24
CA LEU A 93 -15.53 -8.42 19.35
C LEU A 93 -14.53 -7.53 18.62
N ALA A 94 -13.23 -7.78 18.84
CA ALA A 94 -12.19 -6.99 18.18
C ALA A 94 -12.25 -7.13 16.66
N ASP A 95 -12.53 -8.35 16.20
CA ASP A 95 -12.71 -8.64 14.78
C ASP A 95 -13.97 -7.98 14.22
N GLN A 96 -15.02 -7.96 15.03
CA GLN A 96 -16.28 -7.32 14.68
C GLN A 96 -16.08 -5.81 14.52
N LYS A 97 -15.38 -5.19 15.46
N LYS A 97 -15.38 -5.19 15.46
CA LYS A 97 -15.10 -3.75 15.40
CA LYS A 97 -15.10 -3.76 15.41
C LYS A 97 -14.19 -3.42 14.22
C LYS A 97 -14.18 -3.41 14.23
N LYS A 98 -13.22 -4.30 13.95
CA LYS A 98 -12.32 -4.12 12.82
CA LYS A 98 -12.32 -4.12 12.82
C LYS A 98 -13.05 -4.22 11.48
N ALA A 99 -13.91 -5.24 11.35
CA ALA A 99 -14.67 -5.50 10.12
C ALA A 99 -15.57 -4.34 9.69
N LYS A 100 -15.92 -3.48 10.65
CA LYS A 100 -16.68 -2.26 10.36
C LYS A 100 -15.87 -1.29 9.52
N PHE A 101 -14.55 -1.34 9.64
CA PHE A 101 -13.65 -0.52 8.83
C PHE A 101 -13.29 -1.17 7.49
N HIS A 102 -13.56 -2.47 7.37
CA HIS A 102 -13.18 -3.23 6.17
C HIS A 102 -13.78 -2.66 4.89
N GLN A 103 -12.90 -2.40 3.93
CA GLN A 103 -13.31 -1.92 2.62
C GLN A 103 -13.20 -3.05 1.62
N THR A 104 -14.13 -3.08 0.66
CA THR A 104 -14.20 -4.17 -0.31
C THR A 104 -12.96 -4.26 -1.19
N GLU A 105 -12.25 -3.13 -1.35
CA GLU A 105 -11.05 -3.06 -2.18
C GLU A 105 -9.77 -3.50 -1.46
N GLY A 106 -9.85 -3.71 -0.14
CA GLY A 106 -8.73 -4.29 0.59
C GLY A 106 -8.15 -3.53 1.76
N ASP A 107 -6.89 -3.82 2.05
CA ASP A 107 -6.24 -3.40 3.29
C ASP A 107 -5.78 -1.94 3.32
N HIS A 108 -5.26 -1.43 2.21
CA HIS A 108 -4.81 -0.04 2.14
C HIS A 108 -5.98 0.93 2.35
N LEU A 109 -7.11 0.66 1.71
CA LEU A 109 -8.30 1.49 1.86
C LEU A 109 -8.96 1.30 3.23
N THR A 110 -8.72 0.14 3.85
CA THR A 110 -9.15 -0.11 5.23
C THR A 110 -8.35 0.74 6.22
N LEU A 111 -7.04 0.87 5.96
CA LEU A 111 -6.17 1.71 6.78
C LEU A 111 -6.58 3.18 6.68
N LEU A 112 -6.96 3.60 5.49
CA LEU A 112 -7.51 4.92 5.25
C LEU A 112 -8.81 5.13 6.03
N ALA A 113 -9.70 4.14 5.98
CA ALA A 113 -10.98 4.18 6.69
C ALA A 113 -10.81 4.34 8.20
N VAL A 114 -9.84 3.61 8.75
CA VAL A 114 -9.53 3.68 10.18
C VAL A 114 -9.08 5.09 10.60
N TYR A 115 -8.14 5.66 9.86
CA TYR A 115 -7.60 6.99 10.18
C TYR A 115 -8.67 8.07 10.06
N ASN A 116 -9.45 8.02 8.98
CA ASN A 116 -10.52 8.98 8.75
C ASN A 116 -11.62 8.92 9.80
N SER A 117 -11.95 7.71 10.25
CA SER A 117 -12.94 7.54 11.33
C SER A 117 -12.44 8.11 12.65
N TRP A 118 -11.17 7.86 12.95
CA TRP A 118 -10.52 8.41 14.13
C TRP A 118 -10.62 9.93 14.14
N LYS A 119 -10.27 10.53 13.00
CA LYS A 119 -10.40 11.97 12.79
C LYS A 119 -11.84 12.44 12.97
N ASN A 120 -12.77 11.77 12.31
CA ASN A 120 -14.19 12.13 12.37
C ASN A 120 -14.82 11.94 13.75
N ASN A 121 -14.21 11.08 14.57
CA ASN A 121 -14.62 10.91 15.97
C ASN A 121 -13.75 11.73 16.93
N LYS A 122 -13.15 12.79 16.40
CA LYS A 122 -12.44 13.82 17.18
C LYS A 122 -11.17 13.34 17.88
N PHE A 123 -10.45 12.39 17.26
CA PHE A 123 -9.16 11.89 17.77
C PHE A 123 -9.26 11.43 19.23
N SER A 124 -10.31 10.65 19.52
CA SER A 124 -10.70 10.32 20.88
C SER A 124 -10.07 9.01 21.34
N ASN A 125 -9.32 9.09 22.45
CA ASN A 125 -8.74 7.90 23.08
C ASN A 125 -9.80 6.86 23.49
N PRO A 126 -10.88 7.28 24.20
CA PRO A 126 -11.97 6.32 24.46
C PRO A 126 -12.51 5.64 23.20
N TRP A 127 -12.62 6.38 22.09
CA TRP A 127 -13.07 5.80 20.82
C TRP A 127 -12.11 4.72 20.33
N CYS A 128 -10.81 4.98 20.48
CA CYS A 128 -9.77 4.01 20.11
C CYS A 128 -9.90 2.74 20.94
N TYR A 129 -10.10 2.91 22.25
CA TYR A 129 -10.33 1.79 23.17
C TYR A 129 -11.55 0.96 22.78
N GLU A 130 -12.65 1.64 22.46
CA GLU A 130 -13.89 0.99 22.07
C GLU A 130 -13.74 0.14 20.81
N ASN A 131 -12.91 0.61 19.88
CA ASN A 131 -12.74 -0.03 18.58
C ASN A 131 -11.48 -0.90 18.45
N PHE A 132 -10.79 -1.10 19.57
CA PHE A 132 -9.59 -1.93 19.64
C PHE A 132 -8.47 -1.42 18.73
N ILE A 133 -8.31 -0.10 18.74
CA ILE A 133 -7.29 0.57 17.96
C ILE A 133 -6.27 1.22 18.91
N GLN A 134 -5.00 1.08 18.55
CA GLN A 134 -3.90 1.67 19.31
C GLN A 134 -3.81 3.15 19.01
N ALA A 135 -4.22 3.97 19.98
CA ALA A 135 -4.20 5.42 19.84
C ALA A 135 -2.79 5.96 19.55
N ARG A 136 -1.79 5.37 20.19
CA ARG A 136 -0.39 5.77 20.02
C ARG A 136 0.12 5.59 18.59
N SER A 137 -0.36 4.55 17.91
CA SER A 137 0.04 4.29 16.52
C SER A 137 -0.59 5.30 15.56
N LEU A 138 -1.83 5.70 15.85
CA LEU A 138 -2.52 6.70 15.05
C LEU A 138 -1.90 8.07 15.22
N ARG A 139 -1.46 8.37 16.44
CA ARG A 139 -0.77 9.63 16.73
C ARG A 139 0.56 9.72 15.98
N ARG A 140 1.30 8.61 15.95
CA ARG A 140 2.54 8.55 15.18
C ARG A 140 2.26 8.66 13.68
N ALA A 141 1.20 8.01 13.21
CA ALA A 141 0.75 8.14 11.81
C ALA A 141 0.40 9.59 11.48
N GLN A 142 -0.28 10.26 12.40
CA GLN A 142 -0.65 11.67 12.28
C GLN A 142 0.60 12.56 12.16
N ASP A 143 1.59 12.32 13.00
CA ASP A 143 2.86 13.05 12.95
C ASP A 143 3.56 12.87 11.60
N ILE A 144 3.59 11.63 11.12
CA ILE A 144 4.24 11.31 9.86
C ILE A 144 3.50 12.01 8.71
N ARG A 145 2.17 11.96 8.72
CA ARG A 145 1.36 12.61 7.69
C ARG A 145 1.66 14.10 7.57
N LYS A 146 1.77 14.78 8.71
CA LYS A 146 2.09 16.21 8.76
C LYS A 146 3.46 16.47 8.14
N GLN A 147 4.42 15.61 8.45
CA GLN A 147 5.77 15.69 7.87
C GLN A 147 5.70 15.52 6.35
N MET A 148 5.01 14.47 5.90
CA MET A 148 4.90 14.21 4.46
C MET A 148 4.18 15.34 3.73
N LEU A 149 3.13 15.87 4.35
CA LEU A 149 2.38 17.01 3.78
C LEU A 149 3.25 18.25 3.66
N GLY A 150 4.11 18.48 4.65
CA GLY A 150 5.06 19.60 4.61
C GLY A 150 6.03 19.51 3.45
N ILE A 151 6.44 18.29 3.10
CA ILE A 151 7.30 18.04 1.95
C ILE A 151 6.54 18.27 0.64
N MET A 152 5.30 17.78 0.58
CA MET A 152 4.42 18.02 -0.57
C MET A 152 4.31 19.51 -0.85
N ASP A 153 4.04 20.29 0.21
CA ASP A 153 3.82 21.73 0.10
C ASP A 153 5.09 22.47 -0.33
N ARG A 154 6.23 22.12 0.27
CA ARG A 154 7.52 22.74 -0.09
C ARG A 154 7.79 22.68 -1.60
N HIS A 155 7.50 21.53 -2.20
CA HIS A 155 7.82 21.27 -3.60
C HIS A 155 6.61 21.39 -4.53
N LYS A 156 5.56 22.07 -4.04
CA LYS A 156 4.35 22.35 -4.81
C LYS A 156 3.73 21.10 -5.46
N LEU A 157 3.63 20.03 -4.67
CA LEU A 157 2.97 18.81 -5.11
C LEU A 157 1.54 18.82 -4.60
N ASP A 158 0.59 18.94 -5.53
CA ASP A 158 -0.82 19.17 -5.22
C ASP A 158 -1.43 18.07 -4.35
N VAL A 159 -2.19 18.49 -3.34
CA VAL A 159 -2.88 17.55 -2.45
C VAL A 159 -4.38 17.64 -2.71
N VAL A 160 -4.94 16.59 -3.31
CA VAL A 160 -6.37 16.51 -3.61
C VAL A 160 -6.97 15.17 -3.21
N SER A 161 -8.28 15.16 -3.00
CA SER A 161 -9.00 13.95 -2.61
C SER A 161 -9.68 13.31 -3.83
N CYS A 162 -9.79 11.98 -3.80
CA CYS A 162 -10.50 11.26 -4.85
C CYS A 162 -11.99 11.19 -4.57
N GLY A 163 -12.39 11.60 -3.36
CA GLY A 163 -13.77 11.53 -2.91
C GLY A 163 -14.25 10.08 -2.87
N LYS A 164 -15.29 9.80 -3.63
CA LYS A 164 -15.85 8.44 -3.74
C LYS A 164 -15.15 7.59 -4.81
N SER A 165 -14.30 8.22 -5.63
CA SER A 165 -13.59 7.55 -6.71
C SER A 165 -12.31 6.89 -6.22
N THR A 166 -12.45 5.90 -5.35
CA THR A 166 -11.31 5.24 -4.71
C THR A 166 -10.53 4.30 -5.63
N VAL A 167 -11.05 4.04 -6.83
CA VAL A 167 -10.33 3.28 -7.84
C VAL A 167 -8.98 3.95 -8.14
N ARG A 168 -8.94 5.27 -7.99
CA ARG A 168 -7.74 6.06 -8.23
C ARG A 168 -6.66 5.77 -7.19
N VAL A 169 -7.09 5.45 -5.96
CA VAL A 169 -6.18 5.03 -4.89
C VAL A 169 -5.59 3.66 -5.24
N GLN A 170 -6.44 2.73 -5.67
CA GLN A 170 -6.00 1.39 -6.06
C GLN A 170 -4.96 1.46 -7.18
N LYS A 171 -5.24 2.29 -8.18
CA LYS A 171 -4.33 2.47 -9.32
C LYS A 171 -2.98 3.02 -8.87
N ALA A 172 -3.01 4.01 -7.98
CA ALA A 172 -1.80 4.63 -7.45
C ALA A 172 -0.93 3.63 -6.68
N ILE A 173 -1.56 2.81 -5.85
CA ILE A 173 -0.88 1.71 -5.15
C ILE A 173 -0.24 0.75 -6.16
N CYS A 174 -0.99 0.39 -7.19
CA CYS A 174 -0.51 -0.50 -8.24
C CYS A 174 0.70 0.06 -8.98
N SER A 175 0.68 1.38 -9.25
CA SER A 175 1.81 2.04 -9.93
C SER A 175 3.12 1.95 -9.13
N GLY A 176 3.00 1.75 -7.82
CA GLY A 176 4.18 1.64 -6.96
C GLY A 176 4.54 0.19 -6.66
N PHE A 177 3.51 -0.65 -6.53
CA PHE A 177 3.71 -2.00 -6.04
C PHE A 177 3.40 -3.10 -7.04
N PHE A 178 3.41 -2.77 -8.34
CA PHE A 178 3.18 -3.75 -9.42
C PHE A 178 4.11 -4.97 -9.33
N ARG A 179 5.31 -4.73 -8.80
CA ARG A 179 6.32 -5.78 -8.58
CA ARG A 179 6.29 -5.80 -8.60
C ARG A 179 5.77 -6.86 -7.65
N ASN A 180 4.89 -6.44 -6.73
CA ASN A 180 4.27 -7.34 -5.76
C ASN A 180 2.88 -7.81 -6.19
N ALA A 181 2.71 -8.05 -7.49
CA ALA A 181 1.46 -8.55 -8.01
C ALA A 181 1.34 -10.06 -7.77
N ALA A 182 0.12 -10.49 -7.46
CA ALA A 182 -0.18 -11.91 -7.29
C ALA A 182 -1.54 -12.23 -7.93
N LYS A 183 -1.59 -13.37 -8.61
CA LYS A 183 -2.84 -13.87 -9.20
C LYS A 183 -3.30 -15.11 -8.42
N LYS A 184 -4.61 -15.19 -8.14
CA LYS A 184 -5.18 -16.30 -7.40
C LYS A 184 -4.94 -17.64 -8.10
N ASP A 185 -4.46 -18.61 -7.34
CA ASP A 185 -4.22 -19.95 -7.84
C ASP A 185 -5.49 -20.79 -7.72
N PRO A 186 -5.88 -21.48 -8.80
CA PRO A 186 -7.07 -22.33 -8.81
C PRO A 186 -7.16 -23.31 -7.63
N GLN A 187 -6.03 -23.88 -7.22
CA GLN A 187 -6.03 -24.91 -6.17
C GLN A 187 -5.82 -24.37 -4.75
N GLU A 188 -4.80 -23.53 -4.57
CA GLU A 188 -4.50 -22.99 -3.24
C GLU A 188 -3.76 -21.65 -3.27
N GLY A 189 -4.31 -20.67 -2.56
CA GLY A 189 -3.68 -19.37 -2.39
C GLY A 189 -3.42 -18.59 -3.66
N TYR A 190 -2.27 -17.91 -3.69
CA TYR A 190 -1.90 -17.04 -4.80
C TYR A 190 -0.49 -17.37 -5.28
N ARG A 191 -0.21 -17.03 -6.53
CA ARG A 191 1.15 -17.12 -7.07
C ARG A 191 1.63 -15.74 -7.44
N THR A 192 2.79 -15.35 -6.91
CA THR A 192 3.40 -14.06 -7.22
C THR A 192 3.83 -14.07 -8.69
N LEU A 193 3.74 -12.91 -9.34
CA LEU A 193 4.14 -12.82 -10.74
C LEU A 193 5.65 -12.79 -10.92
N ILE A 194 6.35 -12.28 -9.90
CA ILE A 194 7.79 -12.05 -9.97
C ILE A 194 8.64 -13.33 -10.04
N ASP A 195 8.25 -14.36 -9.28
CA ASP A 195 8.99 -15.63 -9.26
C ASP A 195 8.12 -16.85 -8.91
N GLN A 196 6.82 -16.72 -9.12
CA GLN A 196 5.84 -17.82 -8.95
C GLN A 196 5.79 -18.44 -7.54
N GLN A 197 6.10 -17.64 -6.53
CA GLN A 197 6.02 -18.11 -5.15
C GLN A 197 4.56 -18.25 -4.71
N VAL A 198 4.25 -19.37 -4.05
CA VAL A 198 2.92 -19.58 -3.48
C VAL A 198 2.78 -18.74 -2.21
N VAL A 199 1.78 -17.87 -2.21
CA VAL A 199 1.53 -16.95 -1.09
C VAL A 199 0.04 -16.93 -0.72
N TYR A 200 -0.26 -16.43 0.47
CA TYR A 200 -1.61 -16.46 1.02
C TYR A 200 -2.05 -15.13 1.61
N ILE A 201 -3.34 -14.86 1.51
CA ILE A 201 -3.96 -13.73 2.20
C ILE A 201 -4.14 -14.10 3.68
N HIS A 202 -3.64 -13.24 4.56
CA HIS A 202 -3.71 -13.45 6.01
C HIS A 202 -5.16 -13.40 6.51
N PRO A 203 -5.51 -14.24 7.50
CA PRO A 203 -6.84 -14.23 8.11
C PRO A 203 -7.31 -12.85 8.59
N SER A 204 -6.38 -11.99 8.95
CA SER A 204 -6.71 -10.63 9.41
C SER A 204 -7.05 -9.66 8.28
N SER A 205 -6.69 -10.00 7.05
CA SER A 205 -6.92 -9.11 5.90
C SER A 205 -8.40 -8.85 5.65
N ALA A 206 -8.70 -7.64 5.16
CA ALA A 206 -10.05 -7.26 4.76
C ALA A 206 -10.52 -8.07 3.55
N LEU A 207 -9.56 -8.71 2.88
CA LEU A 207 -9.81 -9.50 1.68
C LEU A 207 -9.90 -11.01 1.91
N PHE A 208 -9.72 -11.45 3.15
CA PHE A 208 -9.66 -12.88 3.48
C PHE A 208 -10.93 -13.66 3.11
N ASN A 209 -12.10 -13.04 3.30
CA ASN A 209 -13.37 -13.68 2.97
C ASN A 209 -13.92 -13.30 1.60
N ARG A 210 -13.15 -12.50 0.87
CA ARG A 210 -13.51 -12.10 -0.50
C ARG A 210 -12.27 -12.01 -1.38
N GLN A 211 -11.55 -13.13 -1.47
CA GLN A 211 -10.28 -13.21 -2.18
C GLN A 211 -10.46 -13.04 -3.69
N PRO A 212 -9.98 -11.91 -4.25
CA PRO A 212 -10.20 -11.59 -5.65
C PRO A 212 -9.18 -12.26 -6.59
N GLU A 213 -9.37 -12.09 -7.89
CA GLU A 213 -8.51 -12.68 -8.90
C GLU A 213 -7.07 -12.13 -8.85
N TRP A 214 -6.95 -10.81 -8.71
CA TRP A 214 -5.65 -10.14 -8.73
C TRP A 214 -5.47 -9.19 -7.55
N VAL A 215 -4.28 -9.20 -6.96
CA VAL A 215 -3.92 -8.30 -5.87
C VAL A 215 -2.49 -7.80 -6.04
N VAL A 216 -2.18 -6.67 -5.39
CA VAL A 216 -0.80 -6.35 -5.04
C VAL A 216 -0.69 -6.34 -3.52
N TYR A 217 0.48 -6.70 -3.00
CA TYR A 217 0.70 -6.72 -1.56
C TYR A 217 1.83 -5.77 -1.16
N HIS A 218 1.76 -5.26 0.06
CA HIS A 218 2.81 -4.39 0.58
C HIS A 218 4.11 -5.15 0.80
N GLU A 219 4.03 -6.29 1.48
CA GLU A 219 5.20 -7.12 1.79
C GLU A 219 4.81 -8.57 2.03
N LEU A 220 5.82 -9.45 2.00
CA LEU A 220 5.65 -10.85 2.37
C LEU A 220 6.20 -11.12 3.76
N VAL A 221 5.44 -11.85 4.57
CA VAL A 221 5.85 -12.25 5.91
C VAL A 221 5.58 -13.75 6.08
N LEU A 222 6.62 -14.51 6.39
CA LEU A 222 6.49 -15.94 6.66
C LEU A 222 6.23 -16.20 8.14
N THR A 223 5.04 -16.72 8.44
CA THR A 223 4.69 -17.12 9.81
C THR A 223 4.21 -18.58 9.82
N THR A 224 2.89 -18.78 9.76
CA THR A 224 2.31 -20.11 9.60
C THR A 224 2.47 -20.54 8.15
N LYS A 225 2.28 -19.58 7.24
CA LYS A 225 2.48 -19.76 5.81
C LYS A 225 3.26 -18.56 5.29
N GLU A 226 3.55 -18.55 3.99
CA GLU A 226 4.11 -17.37 3.34
C GLU A 226 2.96 -16.41 3.07
N TYR A 227 2.76 -15.48 4.01
CA TYR A 227 1.60 -14.59 3.96
C TYR A 227 1.90 -13.24 3.32
N MET A 228 0.99 -12.81 2.45
CA MET A 228 0.99 -11.44 1.96
C MET A 228 0.46 -10.53 3.07
N ARG A 229 1.09 -9.37 3.22
CA ARG A 229 0.71 -8.41 4.25
C ARG A 229 0.28 -7.11 3.60
N GLU A 230 -0.97 -6.72 3.88
CA GLU A 230 -1.63 -5.56 3.27
C GLU A 230 -1.84 -5.76 1.76
N VAL A 231 -2.99 -6.32 1.41
CA VAL A 231 -3.35 -6.57 0.01
C VAL A 231 -4.44 -5.63 -0.50
N THR A 232 -4.28 -5.20 -1.75
CA THR A 232 -5.26 -4.37 -2.44
C THR A 232 -5.65 -5.03 -3.76
N THR A 233 -6.95 -5.06 -4.04
CA THR A 233 -7.48 -5.60 -5.30
C THR A 233 -7.05 -4.74 -6.48
N ILE A 234 -6.62 -5.39 -7.56
CA ILE A 234 -6.25 -4.69 -8.79
C ILE A 234 -6.96 -5.27 -10.02
N ASP A 235 -6.98 -4.48 -11.09
CA ASP A 235 -7.29 -4.96 -12.42
C ASP A 235 -5.93 -5.26 -13.06
N PRO A 236 -5.76 -6.47 -13.65
CA PRO A 236 -4.49 -6.84 -14.28
C PRO A 236 -4.02 -5.87 -15.37
N ARG A 237 -4.97 -5.15 -15.98
CA ARG A 237 -4.63 -4.17 -17.01
C ARG A 237 -3.84 -2.98 -16.48
N TRP A 238 -3.98 -2.69 -15.19
CA TRP A 238 -3.23 -1.61 -14.54
C TRP A 238 -1.74 -1.91 -14.52
N LEU A 239 -1.39 -3.18 -14.44
CA LEU A 239 0.00 -3.62 -14.47
C LEU A 239 0.66 -3.16 -15.78
N VAL A 240 -0.04 -3.37 -16.89
CA VAL A 240 0.44 -2.92 -18.21
C VAL A 240 0.43 -1.39 -18.29
N GLU A 241 -0.60 -0.76 -17.74
CA GLU A 241 -0.70 0.71 -17.77
C GLU A 241 0.49 1.38 -17.08
N PHE A 242 0.84 0.90 -15.89
CA PHE A 242 1.85 1.55 -15.05
C PHE A 242 3.26 0.98 -15.17
N ALA A 243 3.36 -0.20 -15.76
CA ALA A 243 4.65 -0.85 -15.99
C ALA A 243 4.64 -1.60 -17.34
N PRO A 244 4.42 -0.86 -18.45
CA PRO A 244 4.22 -1.50 -19.76
C PRO A 244 5.41 -2.29 -20.29
N ALA A 245 6.62 -1.90 -19.89
CA ALA A 245 7.84 -2.61 -20.30
C ALA A 245 8.09 -3.85 -19.45
N PHE A 246 7.46 -3.88 -18.28
CA PHE A 246 7.70 -4.90 -17.26
C PHE A 246 6.82 -6.13 -17.44
N PHE A 247 5.68 -5.96 -18.11
CA PHE A 247 4.70 -7.03 -18.25
C PHE A 247 4.44 -7.42 -19.71
N LYS A 248 4.20 -8.71 -19.93
CA LYS A 248 3.80 -9.21 -21.24
C LYS A 248 2.31 -9.59 -21.24
N VAL A 249 1.65 -9.34 -22.37
CA VAL A 249 0.23 -9.61 -22.53
C VAL A 249 0.02 -11.10 -22.89
N LEU A 250 0.62 -11.98 -22.07
CA LEU A 250 0.50 -13.41 -22.25
C LEU A 250 -0.81 -13.93 -21.67
N ASP A 257 8.07 -9.84 -20.30
CA ASP A 257 8.50 -10.38 -18.98
C ASP A 257 7.48 -11.34 -18.38
N HIS A 258 6.68 -10.85 -17.43
CA HIS A 258 5.76 -11.69 -16.67
C HIS A 258 4.34 -11.64 -17.23
N GLY A 259 3.74 -12.81 -17.38
CA GLY A 259 2.44 -12.95 -18.06
C GLY A 259 1.23 -12.53 -17.24
N LEU A 260 0.22 -12.00 -17.94
CA LEU A 260 -1.03 -11.57 -17.32
C LEU A 260 -2.23 -12.30 -17.92
#